data_4IW1
#
_entry.id   4IW1
#
_cell.length_a   58.363
_cell.length_b   87.985
_cell.length_c   59.350
_cell.angle_alpha   90.00
_cell.angle_beta   102.70
_cell.angle_gamma   90.00
#
_symmetry.space_group_name_H-M   'P 1 21 1'
#
loop_
_entity.id
_entity.type
_entity.pdbx_description
1 polymer 'Serum albumin'
2 non-polymer beta-D-fructofuranose
3 non-polymer 'PHOSPHATE ION'
4 non-polymer D-fructose
5 water water
#
_entity_poly.entity_id   1
_entity_poly.type   'polypeptide(L)'
_entity_poly.pdbx_seq_one_letter_code
;DAHKSEVAHRFKDLGEENFKALVLIAFAQYLQQCPFEDHVKLVNEVTEFAKTCVADESAENCDKSLHTLFGDKLCTVATL
RETYGEMADCCAKQEPERNECFLQHKDDNPNLPRLVRPEVDVMCTAFHDNEETFLKKYLYEIARRHPYFYAPELLFFAKR
YKAAFTECCQAADKAACLLPKLDELRDEGKASSAKQRLKCASLQKFGERAFKAWAVARLSQRFPKAEFAEVSKLVTDLTK
VHTECCHGDLLECADDRADLAKYICENQDSISSKLKECCEKPLLEKSHCIAEVENDEMPADLPSLAADFVESKDVCKNYA
EAKDVFLGMFLYEYARRHPDYSVVLLLRLAKTYETTLEKCCAAADPHECYAKVFDEFKPLVEEPQNLIKQNCELFEQLGE
YKFQNALLVRYTKKVPQVSTPTLVEVSRNLGKVGSKCCKHPEAKRMPCAEDYLSVVLNQLCVLHEKTPVSDRVTKCCTES
LVNRRPCFSALEVDETYVPKEFNAETFTFHADICTLSEKERQIKKQTALVELVKHKPKATKEQLKAVMDDFAAFVEKCCK
ADDKETCFAEEGKKLVAASQAALGL
;
_entity_poly.pdbx_strand_id   A
#
loop_
_chem_comp.id
_chem_comp.type
_chem_comp.name
_chem_comp.formula
FRU D-saccharide, beta linking beta-D-fructofuranose 'C6 H12 O6'
FUD D-saccharide D-fructose 'C6 H12 O6'
PO4 non-polymer 'PHOSPHATE ION' 'O4 P -3'
#
# COMPACT_ATOMS: atom_id res chain seq x y z
N SER A 5 26.57 -18.60 -13.11
CA SER A 5 25.56 -18.98 -12.04
C SER A 5 24.85 -17.84 -11.33
N GLU A 6 23.52 -17.85 -11.38
CA GLU A 6 22.74 -16.70 -10.90
C GLU A 6 22.67 -16.68 -9.39
N VAL A 7 22.26 -17.80 -8.79
CA VAL A 7 22.15 -17.93 -7.33
C VAL A 7 23.37 -17.33 -6.65
N ALA A 8 24.53 -17.81 -7.08
CA ALA A 8 25.75 -17.52 -6.41
C ALA A 8 25.96 -16.03 -6.47
N HIS A 9 25.91 -15.48 -7.68
CA HIS A 9 25.99 -14.02 -7.91
C HIS A 9 25.17 -13.23 -6.88
N ARG A 10 23.95 -13.70 -6.60
CA ARG A 10 23.04 -13.08 -5.59
C ARG A 10 23.49 -13.32 -4.17
N PHE A 11 24.06 -14.51 -3.90
CA PHE A 11 24.53 -14.83 -2.56
C PHE A 11 25.70 -13.94 -2.19
N LYS A 12 26.42 -13.44 -3.19
CA LYS A 12 27.62 -12.72 -2.92
C LYS A 12 27.29 -11.28 -2.61
N ASP A 13 26.45 -10.66 -3.44
CA ASP A 13 26.13 -9.25 -3.28
C ASP A 13 25.30 -9.04 -2.05
N LEU A 14 24.36 -9.94 -1.81
CA LEU A 14 23.42 -9.76 -0.72
C LEU A 14 24.03 -10.16 0.61
N GLY A 15 24.95 -11.13 0.59
CA GLY A 15 25.51 -11.72 1.81
C GLY A 15 24.49 -12.75 2.26
N GLU A 16 24.89 -13.60 3.20
CA GLU A 16 24.14 -14.78 3.54
C GLU A 16 22.91 -14.44 4.35
N GLU A 17 23.09 -13.68 5.45
CA GLU A 17 22.00 -13.42 6.43
C GLU A 17 20.76 -12.80 5.72
N ASN A 18 21.04 -11.85 4.82
CA ASN A 18 20.03 -11.29 3.91
C ASN A 18 19.47 -12.30 2.94
N PHE A 19 20.32 -12.92 2.15
CA PHE A 19 19.95 -14.07 1.30
C PHE A 19 19.02 -15.09 1.96
N LYS A 20 19.34 -15.51 3.17
CA LYS A 20 18.57 -16.55 3.84
C LYS A 20 17.17 -16.02 4.07
N ALA A 21 17.15 -14.74 4.44
CA ALA A 21 15.94 -14.02 4.79
C ALA A 21 15.05 -13.81 3.55
N LEU A 22 15.62 -13.20 2.51
CA LEU A 22 14.86 -12.94 1.31
C LEU A 22 14.26 -14.21 0.68
N VAL A 23 14.93 -15.36 0.86
CA VAL A 23 14.44 -16.63 0.30
C VAL A 23 13.31 -17.11 1.18
N LEU A 24 13.42 -16.86 2.47
CA LEU A 24 12.36 -17.27 3.41
C LEU A 24 11.11 -16.53 3.03
N ILE A 25 11.18 -15.20 2.99
CA ILE A 25 10.07 -14.38 2.59
C ILE A 25 9.43 -14.91 1.30
N ALA A 26 10.23 -15.03 0.24
CA ALA A 26 9.73 -15.52 -1.04
C ALA A 26 8.97 -16.86 -0.89
N PHE A 27 9.42 -17.75 0.00
CA PHE A 27 8.73 -19.00 0.17
C PHE A 27 7.37 -18.78 0.88
N ALA A 28 7.33 -17.85 1.83
CA ALA A 28 6.11 -17.54 2.56
C ALA A 28 5.04 -16.94 1.66
N GLN A 29 5.47 -16.02 0.81
CA GLN A 29 4.65 -15.45 -0.27
C GLN A 29 4.22 -16.46 -1.30
N TYR A 30 5.15 -17.30 -1.77
CA TYR A 30 4.73 -18.38 -2.70
C TYR A 30 3.76 -19.39 -2.09
N LEU A 31 4.04 -19.88 -0.87
CA LEU A 31 3.16 -20.81 -0.15
C LEU A 31 2.65 -20.26 1.22
N GLN A 32 1.48 -19.67 1.21
CA GLN A 32 0.99 -18.99 2.38
C GLN A 32 0.33 -19.93 3.35
N GLN A 33 -0.16 -21.07 2.87
CA GLN A 33 -0.81 -22.03 3.76
C GLN A 33 0.16 -22.98 4.42
N CYS A 34 1.30 -23.26 3.78
CA CYS A 34 2.36 -24.16 4.31
C CYS A 34 3.06 -23.78 5.64
N PRO A 35 3.12 -24.75 6.58
CA PRO A 35 3.82 -24.73 7.88
C PRO A 35 5.18 -24.05 7.92
N PHE A 36 5.56 -23.52 9.09
CA PHE A 36 6.80 -22.76 9.26
C PHE A 36 8.11 -23.52 8.98
N GLU A 37 8.33 -24.58 9.74
CA GLU A 37 9.57 -25.35 9.65
C GLU A 37 9.66 -26.28 8.42
N ASP A 38 8.55 -26.42 7.70
CA ASP A 38 8.64 -26.92 6.34
C ASP A 38 9.42 -25.93 5.46
N HIS A 39 9.14 -24.64 5.61
CA HIS A 39 9.78 -23.61 4.80
C HIS A 39 11.22 -23.37 5.22
N VAL A 40 11.53 -23.50 6.51
CA VAL A 40 12.88 -23.22 7.01
C VAL A 40 13.88 -24.23 6.42
N LYS A 41 13.40 -25.47 6.34
CA LYS A 41 14.07 -26.57 5.74
C LYS A 41 14.37 -26.26 4.28
N LEU A 42 13.32 -25.93 3.53
CA LEU A 42 13.50 -25.59 2.11
C LEU A 42 14.56 -24.46 1.94
N VAL A 43 14.45 -23.42 2.76
CA VAL A 43 15.43 -22.33 2.78
C VAL A 43 16.87 -22.85 3.01
N ASN A 44 17.01 -23.87 3.89
CA ASN A 44 18.32 -24.44 4.29
C ASN A 44 19.04 -25.19 3.16
N GLU A 45 18.32 -26.12 2.53
CA GLU A 45 18.86 -26.79 1.34
C GLU A 45 19.37 -25.75 0.35
N VAL A 46 18.48 -24.85 -0.09
CA VAL A 46 18.81 -23.81 -1.08
C VAL A 46 20.10 -23.04 -0.72
N THR A 47 20.19 -22.63 0.55
CA THR A 47 21.34 -21.84 1.00
C THR A 47 22.63 -22.70 0.90
N GLU A 48 22.54 -23.92 1.40
N GLU A 48 22.53 -23.90 1.46
CA GLU A 48 23.65 -24.84 1.30
CA GLU A 48 23.50 -24.98 1.34
C GLU A 48 23.98 -25.16 -0.17
C GLU A 48 23.94 -25.14 -0.12
N PHE A 49 22.97 -25.38 -1.00
CA PHE A 49 23.20 -25.52 -2.46
C PHE A 49 23.89 -24.32 -3.09
N ALA A 50 23.51 -23.13 -2.64
CA ALA A 50 24.08 -21.91 -3.18
C ALA A 50 25.52 -21.73 -2.77
N LYS A 51 25.90 -22.29 -1.61
CA LYS A 51 27.31 -22.39 -1.21
C LYS A 51 28.16 -23.27 -2.17
N THR A 52 27.76 -24.52 -2.41
CA THR A 52 28.44 -25.31 -3.47
C THR A 52 28.64 -24.49 -4.74
N CYS A 53 27.63 -23.69 -5.10
CA CYS A 53 27.64 -22.93 -6.36
C CYS A 53 28.54 -21.74 -6.23
N VAL A 54 28.60 -21.20 -5.02
CA VAL A 54 29.47 -20.05 -4.66
C VAL A 54 30.94 -20.45 -4.74
N ALA A 55 31.21 -21.70 -4.39
CA ALA A 55 32.52 -22.32 -4.51
C ALA A 55 32.84 -22.52 -6.00
N ASP A 56 32.28 -23.57 -6.62
CA ASP A 56 32.47 -23.83 -8.05
C ASP A 56 31.23 -23.51 -8.89
N GLU A 57 31.42 -22.54 -9.79
CA GLU A 57 30.39 -22.03 -10.73
C GLU A 57 29.82 -23.13 -11.59
N SER A 58 30.69 -24.06 -11.99
CA SER A 58 30.35 -25.22 -12.82
C SER A 58 29.55 -26.32 -12.09
N ALA A 59 29.58 -26.34 -10.76
CA ALA A 59 28.92 -27.38 -9.99
C ALA A 59 27.52 -27.73 -10.53
N GLU A 60 27.25 -29.02 -10.72
CA GLU A 60 26.00 -29.45 -11.38
C GLU A 60 24.78 -28.66 -10.87
N ASN A 61 24.01 -28.10 -11.81
CA ASN A 61 22.73 -27.38 -11.53
C ASN A 61 22.81 -25.87 -11.15
N CYS A 62 24.00 -25.30 -11.08
CA CYS A 62 24.20 -23.91 -10.70
C CYS A 62 23.95 -22.90 -11.81
N ASP A 63 23.74 -23.40 -13.02
CA ASP A 63 23.47 -22.58 -14.20
C ASP A 63 21.96 -22.28 -14.27
N LYS A 64 21.19 -23.05 -13.52
CA LYS A 64 19.72 -22.94 -13.52
C LYS A 64 19.13 -21.61 -12.95
N SER A 65 18.14 -21.05 -13.63
CA SER A 65 17.45 -19.84 -13.18
C SER A 65 16.84 -19.95 -11.77
N LEU A 66 16.73 -18.82 -11.08
CA LEU A 66 16.15 -18.77 -9.73
C LEU A 66 14.74 -19.34 -9.65
N HIS A 67 13.95 -19.10 -10.70
CA HIS A 67 12.62 -19.69 -10.84
C HIS A 67 12.63 -21.20 -10.78
N THR A 68 13.48 -21.82 -11.62
CA THR A 68 13.59 -23.30 -11.66
C THR A 68 13.99 -23.83 -10.29
N LEU A 69 14.96 -23.16 -9.66
CA LEU A 69 15.48 -23.61 -8.36
C LEU A 69 14.48 -23.44 -7.23
N PHE A 70 13.84 -22.27 -7.16
CA PHE A 70 12.82 -22.01 -6.15
C PHE A 70 11.60 -22.92 -6.36
N GLY A 71 11.11 -22.99 -7.61
CA GLY A 71 10.03 -23.89 -7.96
C GLY A 71 10.23 -25.37 -7.60
N ASP A 72 11.45 -25.87 -7.79
CA ASP A 72 11.68 -27.26 -7.48
C ASP A 72 11.56 -27.46 -5.99
N LYS A 73 12.30 -26.68 -5.22
CA LYS A 73 12.21 -26.83 -3.78
C LYS A 73 10.76 -26.74 -3.30
N LEU A 74 10.06 -25.70 -3.72
CA LEU A 74 8.64 -25.57 -3.38
C LEU A 74 7.86 -26.86 -3.54
N CYS A 75 8.05 -27.53 -4.67
CA CYS A 75 7.26 -28.68 -5.02
C CYS A 75 7.59 -29.97 -4.25
N THR A 76 8.46 -29.88 -3.24
CA THR A 76 8.84 -31.10 -2.46
C THR A 76 8.01 -31.29 -1.18
N ASP A 89 -1.38 -28.94 -8.31
CA ASP A 89 -1.89 -28.10 -9.39
C ASP A 89 -0.76 -27.34 -10.08
N CYS A 90 0.02 -26.59 -9.31
CA CYS A 90 1.02 -25.68 -9.87
C CYS A 90 2.28 -26.44 -10.26
N CYS A 91 2.55 -27.54 -9.56
CA CYS A 91 3.79 -28.26 -9.75
C CYS A 91 3.77 -29.23 -10.92
N ALA A 92 2.57 -29.74 -11.24
CA ALA A 92 2.36 -30.58 -12.41
C ALA A 92 2.32 -29.65 -13.60
N LYS A 93 3.34 -28.82 -13.69
CA LYS A 93 3.41 -27.70 -14.60
C LYS A 93 4.84 -27.20 -14.57
N GLN A 94 5.35 -26.82 -15.71
CA GLN A 94 6.75 -26.48 -15.80
C GLN A 94 6.96 -24.99 -15.98
N GLU A 95 8.17 -24.55 -15.66
CA GLU A 95 8.60 -23.19 -15.95
C GLU A 95 8.36 -22.89 -17.43
N PRO A 96 8.10 -21.62 -17.80
CA PRO A 96 7.79 -20.39 -17.07
C PRO A 96 6.35 -20.32 -16.57
N GLU A 97 5.51 -21.21 -17.07
CA GLU A 97 4.10 -21.24 -16.72
C GLU A 97 3.91 -21.61 -15.24
N ARG A 98 4.91 -22.30 -14.68
CA ARG A 98 4.86 -22.79 -13.30
C ARG A 98 4.99 -21.62 -12.33
N ASN A 99 6.02 -20.81 -12.52
CA ASN A 99 6.23 -19.61 -11.72
C ASN A 99 5.00 -18.72 -11.72
N GLU A 100 4.38 -18.57 -12.91
CA GLU A 100 3.16 -17.77 -13.10
C GLU A 100 2.02 -18.31 -12.30
N CYS A 101 1.99 -19.64 -12.16
CA CYS A 101 1.02 -20.30 -11.31
C CYS A 101 1.13 -19.87 -9.83
N PHE A 102 2.35 -19.91 -9.26
CA PHE A 102 2.58 -19.50 -7.84
C PHE A 102 2.19 -18.05 -7.59
N LEU A 103 2.65 -17.19 -8.50
CA LEU A 103 2.32 -15.81 -8.50
C LEU A 103 0.81 -15.59 -8.61
N GLN A 104 0.17 -16.28 -9.53
CA GLN A 104 -1.28 -16.16 -9.74
C GLN A 104 -2.09 -16.79 -8.59
N HIS A 105 -1.44 -17.60 -7.76
CA HIS A 105 -2.07 -18.21 -6.59
C HIS A 105 -2.01 -17.39 -5.30
N LYS A 106 -1.25 -16.29 -5.29
CA LYS A 106 -1.15 -15.36 -4.15
C LYS A 106 -2.52 -14.80 -3.65
N ASP A 107 -2.62 -14.61 -2.33
CA ASP A 107 -3.88 -14.32 -1.66
C ASP A 107 -3.74 -13.15 -0.69
N ASP A 108 -4.41 -12.03 -1.00
CA ASP A 108 -4.33 -10.80 -0.17
C ASP A 108 -5.12 -10.90 1.13
N ASN A 109 -6.00 -11.87 1.20
CA ASN A 109 -6.87 -12.06 2.36
C ASN A 109 -6.98 -13.54 2.70
N PRO A 110 -5.88 -14.13 3.25
CA PRO A 110 -5.75 -15.58 3.44
C PRO A 110 -6.36 -16.03 4.76
N ASN A 111 -7.06 -17.15 4.75
CA ASN A 111 -7.68 -17.65 6.00
C ASN A 111 -6.58 -18.09 6.96
N LEU A 112 -6.18 -17.19 7.86
CA LEU A 112 -5.11 -17.46 8.79
C LEU A 112 -5.40 -16.81 10.13
N PRO A 113 -5.24 -17.57 11.22
CA PRO A 113 -5.29 -17.06 12.57
C PRO A 113 -4.81 -15.63 12.68
N ARG A 114 -5.67 -14.70 13.10
CA ARG A 114 -5.16 -13.43 13.60
C ARG A 114 -3.95 -13.76 14.51
N LEU A 115 -3.06 -12.80 14.67
CA LEU A 115 -1.77 -13.14 15.23
C LEU A 115 -1.65 -12.59 16.64
N VAL A 116 -2.46 -13.13 17.56
CA VAL A 116 -2.45 -12.63 18.93
C VAL A 116 -1.06 -12.81 19.58
N ARG A 117 -0.57 -11.75 20.23
CA ARG A 117 0.77 -11.75 20.82
C ARG A 117 0.75 -12.09 22.32
N PRO A 118 1.19 -13.31 22.68
CA PRO A 118 1.05 -13.89 24.03
C PRO A 118 1.94 -13.20 25.07
N GLU A 119 1.84 -13.65 26.32
CA GLU A 119 2.46 -12.96 27.46
C GLU A 119 3.94 -12.65 27.29
N VAL A 120 4.26 -11.35 27.28
CA VAL A 120 5.60 -10.85 26.97
C VAL A 120 6.75 -11.73 27.45
N ASP A 121 6.73 -12.08 28.74
CA ASP A 121 7.81 -12.86 29.32
C ASP A 121 8.14 -14.04 28.40
N VAL A 122 7.09 -14.71 27.90
CA VAL A 122 7.23 -15.83 26.99
C VAL A 122 7.87 -15.43 25.67
N MET A 123 7.71 -14.16 25.29
CA MET A 123 8.34 -13.66 24.07
C MET A 123 9.79 -13.38 24.32
N CYS A 124 10.13 -12.98 25.55
CA CYS A 124 11.54 -12.82 25.91
C CYS A 124 12.20 -14.17 26.19
N THR A 125 11.38 -15.13 26.61
CA THR A 125 11.82 -16.51 26.82
C THR A 125 12.20 -17.17 25.48
N ALA A 126 11.34 -17.06 24.47
CA ALA A 126 11.71 -17.59 23.14
C ALA A 126 12.81 -16.76 22.42
N PHE A 127 12.89 -15.44 22.70
CA PHE A 127 13.86 -14.59 22.03
C PHE A 127 15.30 -14.87 22.44
N HIS A 128 15.57 -14.80 23.75
CA HIS A 128 16.92 -15.05 24.25
C HIS A 128 17.26 -16.54 24.12
N ASP A 129 16.23 -17.40 24.14
CA ASP A 129 16.39 -18.83 23.89
C ASP A 129 17.00 -19.07 22.51
N ASN A 130 16.19 -18.83 21.47
CA ASN A 130 16.57 -19.05 20.06
C ASN A 130 16.18 -17.80 19.26
N GLU A 131 17.18 -17.03 18.86
CA GLU A 131 17.05 -15.67 18.32
C GLU A 131 17.13 -15.64 16.80
N GLU A 132 17.54 -16.75 16.21
CA GLU A 132 17.51 -16.85 14.76
C GLU A 132 16.15 -17.38 14.39
N THR A 133 15.68 -18.39 15.13
CA THR A 133 14.38 -18.98 14.89
C THR A 133 13.27 -17.99 15.24
N PHE A 134 13.61 -16.95 15.99
CA PHE A 134 12.61 -15.99 16.43
C PHE A 134 12.43 -14.80 15.48
N LEU A 135 13.53 -14.37 14.87
CA LEU A 135 13.42 -13.48 13.72
C LEU A 135 12.88 -14.25 12.47
N LYS A 136 13.20 -15.53 12.33
CA LYS A 136 12.70 -16.21 11.15
C LYS A 136 11.21 -16.50 11.22
N LYS A 137 10.63 -16.46 12.42
CA LYS A 137 9.20 -16.74 12.57
C LYS A 137 8.45 -15.46 12.40
N TYR A 138 9.14 -14.33 12.56
CA TYR A 138 8.54 -13.04 12.38
C TYR A 138 8.46 -12.79 10.88
N LEU A 139 9.60 -12.85 10.17
CA LEU A 139 9.54 -12.77 8.70
C LEU A 139 8.42 -13.68 8.23
N TYR A 140 8.54 -14.97 8.50
CA TYR A 140 7.55 -15.92 8.04
C TYR A 140 6.08 -15.51 8.29
N GLU A 141 5.79 -14.84 9.40
CA GLU A 141 4.38 -14.49 9.73
C GLU A 141 3.91 -13.23 8.99
N ILE A 142 4.75 -12.19 8.94
CA ILE A 142 4.44 -11.02 8.11
C ILE A 142 4.29 -11.36 6.64
N ALA A 143 5.14 -12.24 6.15
CA ALA A 143 5.28 -12.46 4.70
C ALA A 143 4.12 -13.23 4.06
N ARG A 144 3.66 -14.28 4.72
CA ARG A 144 2.53 -15.10 4.24
C ARG A 144 1.16 -14.40 4.40
N ARG A 145 1.12 -13.40 5.29
CA ARG A 145 -0.02 -12.53 5.48
C ARG A 145 0.13 -11.27 4.66
N HIS A 146 1.27 -11.07 4.01
CA HIS A 146 1.44 -9.91 3.16
C HIS A 146 2.27 -10.25 1.93
N PRO A 147 1.67 -10.92 0.95
CA PRO A 147 2.38 -11.68 -0.08
C PRO A 147 2.97 -10.80 -1.13
N TYR A 148 2.78 -9.50 -0.94
CA TYR A 148 3.32 -8.55 -1.89
C TYR A 148 4.19 -7.54 -1.19
N PHE A 149 4.47 -7.82 0.08
CA PHE A 149 5.20 -6.91 0.92
C PHE A 149 6.58 -6.60 0.30
N TYR A 150 6.95 -5.31 0.27
CA TYR A 150 8.26 -4.85 -0.25
C TYR A 150 9.40 -5.57 0.51
N ALA A 151 9.92 -6.63 -0.13
CA ALA A 151 10.94 -7.54 0.42
C ALA A 151 12.10 -6.86 1.12
N PRO A 152 12.79 -5.95 0.44
CA PRO A 152 13.84 -5.26 1.16
C PRO A 152 13.38 -4.50 2.39
N GLU A 153 12.18 -3.92 2.39
CA GLU A 153 11.71 -3.15 3.55
C GLU A 153 11.49 -4.05 4.73
N LEU A 154 11.00 -5.26 4.47
CA LEU A 154 10.81 -6.26 5.50
C LEU A 154 12.10 -6.43 6.26
N LEU A 155 13.19 -6.75 5.56
CA LEU A 155 14.46 -6.94 6.26
C LEU A 155 14.67 -5.83 7.29
N PHE A 156 14.27 -4.61 6.89
CA PHE A 156 14.46 -3.41 7.72
C PHE A 156 13.52 -3.47 8.91
N PHE A 157 12.30 -3.95 8.70
CA PHE A 157 11.41 -4.18 9.83
C PHE A 157 11.96 -5.28 10.75
N ALA A 158 12.80 -6.17 10.22
CA ALA A 158 13.31 -7.29 11.00
C ALA A 158 14.49 -6.78 11.87
N LYS A 159 15.31 -5.90 11.32
CA LYS A 159 16.43 -5.36 12.08
C LYS A 159 15.85 -4.67 13.31
N ARG A 160 14.79 -3.90 13.08
CA ARG A 160 14.23 -3.08 14.12
C ARG A 160 13.50 -3.94 15.13
N TYR A 161 12.82 -4.98 14.65
CA TYR A 161 12.14 -5.92 15.56
C TYR A 161 13.12 -6.61 16.53
N LYS A 162 14.33 -6.89 16.07
CA LYS A 162 15.40 -7.41 16.93
C LYS A 162 15.83 -6.32 17.92
N ALA A 163 16.36 -5.20 17.41
CA ALA A 163 16.78 -4.09 18.24
C ALA A 163 15.84 -3.80 19.42
N ALA A 164 14.59 -4.23 19.27
CA ALA A 164 13.54 -3.97 20.25
C ALA A 164 13.49 -5.10 21.27
N PHE A 165 13.60 -6.35 20.81
CA PHE A 165 13.64 -7.51 21.70
C PHE A 165 14.97 -7.54 22.47
N THR A 166 16.02 -7.16 21.78
CA THR A 166 17.32 -7.08 22.37
C THR A 166 17.34 -6.08 23.51
N GLU A 167 16.63 -4.97 23.34
CA GLU A 167 16.78 -3.82 24.22
C GLU A 167 15.53 -3.58 25.06
N CYS A 168 14.86 -4.66 25.46
CA CYS A 168 13.73 -4.54 26.34
C CYS A 168 13.74 -5.68 27.31
N CYS A 169 14.11 -6.86 26.82
CA CYS A 169 14.20 -8.02 27.67
C CYS A 169 15.29 -7.79 28.71
N GLN A 170 16.30 -7.01 28.35
CA GLN A 170 17.28 -6.54 29.34
C GLN A 170 16.87 -5.14 29.81
N ALA A 171 15.69 -5.07 30.47
CA ALA A 171 15.17 -3.83 31.11
C ALA A 171 14.27 -4.14 32.33
N ALA A 172 14.00 -3.13 33.15
CA ALA A 172 13.17 -3.26 34.35
C ALA A 172 11.85 -3.99 34.07
N ASP A 173 10.91 -3.28 33.44
CA ASP A 173 9.73 -3.95 32.86
C ASP A 173 9.80 -4.00 31.32
N LYS A 174 9.50 -5.18 30.81
CA LYS A 174 9.67 -5.56 29.41
C LYS A 174 8.33 -5.38 28.66
N ALA A 175 7.25 -5.17 29.42
CA ALA A 175 5.96 -4.86 28.83
C ALA A 175 5.89 -3.37 28.46
N ALA A 176 6.37 -2.50 29.35
CA ALA A 176 6.35 -1.07 29.11
C ALA A 176 7.30 -0.62 28.01
N CYS A 177 8.43 -1.31 27.88
CA CYS A 177 9.43 -1.00 26.83
C CYS A 177 8.93 -1.52 25.48
N LEU A 178 8.96 -2.84 25.33
CA LEU A 178 8.61 -3.52 24.11
C LEU A 178 7.30 -3.05 23.45
N LEU A 179 6.18 -3.34 24.08
CA LEU A 179 4.84 -3.23 23.46
C LEU A 179 4.61 -1.98 22.62
N PRO A 180 4.92 -0.77 23.15
CA PRO A 180 4.81 0.45 22.35
C PRO A 180 5.64 0.36 21.07
N LYS A 181 6.94 0.10 21.23
CA LYS A 181 7.87 -0.05 20.13
C LYS A 181 7.36 -1.09 19.10
N LEU A 182 6.76 -2.16 19.59
CA LEU A 182 6.27 -3.19 18.71
C LEU A 182 4.97 -2.77 18.04
N ASP A 183 4.19 -1.94 18.73
CA ASP A 183 2.95 -1.41 18.16
C ASP A 183 3.26 -0.41 17.04
N GLU A 184 4.25 0.46 17.29
CA GLU A 184 4.74 1.34 16.26
C GLU A 184 5.20 0.56 15.00
N LEU A 185 5.75 -0.63 15.20
CA LEU A 185 6.13 -1.47 14.08
C LEU A 185 4.93 -1.97 13.30
N ARG A 186 3.96 -2.60 13.98
CA ARG A 186 2.78 -3.15 13.28
C ARG A 186 2.11 -2.09 12.39
N ASP A 187 2.11 -0.84 12.86
CA ASP A 187 1.52 0.29 12.18
C ASP A 187 2.29 0.64 10.92
N GLU A 188 3.56 0.94 11.05
CA GLU A 188 4.38 1.20 9.91
C GLU A 188 4.23 -0.01 8.93
N GLY A 189 3.92 -1.16 9.49
CA GLY A 189 3.85 -2.37 8.75
C GLY A 189 2.77 -2.25 7.73
N LYS A 190 1.56 -2.26 8.26
CA LYS A 190 0.33 -2.04 7.51
C LYS A 190 0.47 -0.98 6.40
N ALA A 191 0.99 0.19 6.77
CA ALA A 191 1.07 1.30 5.86
C ALA A 191 2.08 0.98 4.71
N SER A 192 3.23 0.40 5.06
CA SER A 192 4.21 0.08 4.05
C SER A 192 3.66 -0.99 3.08
N SER A 193 2.92 -1.95 3.62
CA SER A 193 2.39 -3.00 2.83
C SER A 193 1.34 -2.50 1.88
N ALA A 194 0.51 -1.56 2.33
CA ALA A 194 -0.51 -1.04 1.45
C ALA A 194 0.17 -0.19 0.36
N LYS A 195 1.22 0.54 0.72
CA LYS A 195 1.94 1.28 -0.32
C LYS A 195 2.56 0.39 -1.39
N GLN A 196 3.03 -0.80 -0.99
CA GLN A 196 3.67 -1.65 -1.98
C GLN A 196 2.63 -2.39 -2.78
N ARG A 197 1.50 -2.67 -2.14
CA ARG A 197 0.42 -3.34 -2.82
C ARG A 197 -0.03 -2.53 -4.02
N LEU A 198 0.02 -1.20 -3.93
CA LEU A 198 -0.48 -0.33 -4.96
C LEU A 198 0.51 -0.21 -6.15
N LYS A 199 1.82 -0.18 -5.87
CA LYS A 199 2.82 -0.27 -6.94
C LYS A 199 2.64 -1.58 -7.78
N CYS A 200 2.37 -2.69 -7.10
CA CYS A 200 2.27 -4.01 -7.77
C CYS A 200 1.06 -4.08 -8.68
N ALA A 201 -0.05 -3.51 -8.23
CA ALA A 201 -1.26 -3.46 -9.07
C ALA A 201 -1.12 -2.41 -10.19
N SER A 202 -0.35 -1.37 -9.97
CA SER A 202 -0.09 -0.45 -11.07
C SER A 202 0.64 -1.15 -12.20
N LEU A 203 1.62 -1.99 -11.84
CA LEU A 203 2.41 -2.71 -12.85
C LEU A 203 1.61 -3.86 -13.46
N GLN A 204 0.92 -4.60 -12.60
CA GLN A 204 0.38 -5.85 -13.02
C GLN A 204 -0.90 -5.62 -13.81
N LYS A 205 -1.74 -4.73 -13.32
CA LYS A 205 -3.03 -4.54 -13.97
C LYS A 205 -3.00 -3.43 -15.05
N PHE A 206 -1.97 -2.58 -15.06
CA PHE A 206 -1.94 -1.36 -15.89
C PHE A 206 -0.63 -1.18 -16.64
N GLY A 207 0.40 -1.93 -16.32
CA GLY A 207 1.60 -1.96 -17.18
C GLY A 207 2.66 -0.92 -16.91
N GLU A 208 3.85 -1.18 -17.43
CA GLU A 208 5.01 -0.36 -17.15
C GLU A 208 4.81 1.12 -17.46
N ARG A 209 4.07 1.44 -18.52
CA ARG A 209 3.99 2.83 -18.97
C ARG A 209 3.32 3.73 -17.93
N ALA A 210 2.24 3.23 -17.33
CA ALA A 210 1.58 3.92 -16.20
C ALA A 210 2.50 4.05 -14.99
N PHE A 211 3.20 2.97 -14.62
CA PHE A 211 4.12 3.10 -13.50
C PHE A 211 5.19 4.14 -13.78
N LYS A 212 5.80 4.10 -14.95
CA LYS A 212 6.83 5.08 -15.27
C LYS A 212 6.31 6.52 -15.17
N ALA A 213 5.05 6.73 -15.51
CA ALA A 213 4.54 8.09 -15.47
C ALA A 213 4.39 8.54 -14.00
N TRP A 214 3.75 7.69 -13.20
CA TRP A 214 3.77 7.79 -11.74
C TRP A 214 5.18 8.08 -11.16
N ALA A 215 6.18 7.35 -11.62
CA ALA A 215 7.53 7.56 -11.17
C ALA A 215 8.04 8.94 -11.57
N VAL A 216 7.97 9.26 -12.86
CA VAL A 216 8.41 10.56 -13.38
C VAL A 216 7.78 11.64 -12.49
N ALA A 217 6.49 11.50 -12.19
CA ALA A 217 5.82 12.54 -11.49
C ALA A 217 6.38 12.69 -10.05
N ARG A 218 6.45 11.58 -9.33
CA ARG A 218 6.80 11.59 -7.94
C ARG A 218 8.24 12.01 -7.69
N LEU A 219 9.15 11.36 -8.38
CA LEU A 219 10.55 11.71 -8.30
C LEU A 219 10.79 13.19 -8.58
N SER A 220 10.06 13.73 -9.57
CA SER A 220 10.25 15.12 -10.05
C SER A 220 9.86 16.09 -9.00
N GLN A 221 8.83 15.75 -8.23
CA GLN A 221 8.49 16.51 -7.03
C GLN A 221 9.65 16.40 -6.04
N ARG A 222 10.14 15.20 -5.76
CA ARG A 222 11.18 15.02 -4.75
C ARG A 222 12.48 15.70 -5.17
N PHE A 223 12.74 15.71 -6.47
CA PHE A 223 14.05 16.09 -6.95
C PHE A 223 13.96 17.21 -8.01
N PRO A 224 13.36 18.36 -7.64
CA PRO A 224 13.03 19.42 -8.59
C PRO A 224 14.27 20.08 -9.19
N LYS A 225 15.36 20.07 -8.43
CA LYS A 225 16.63 20.67 -8.85
C LYS A 225 17.30 19.78 -9.87
N ALA A 226 16.78 18.56 -10.08
CA ALA A 226 17.48 17.55 -10.91
C ALA A 226 16.95 17.56 -12.32
N GLU A 227 17.76 17.10 -13.26
CA GLU A 227 17.37 17.20 -14.67
C GLU A 227 16.61 15.99 -15.14
N PHE A 228 16.04 16.13 -16.33
CA PHE A 228 15.16 15.13 -16.91
C PHE A 228 15.89 13.87 -17.29
N ALA A 229 17.09 14.04 -17.85
CA ALA A 229 17.94 12.85 -18.09
C ALA A 229 18.34 12.17 -16.77
N GLU A 230 18.45 12.94 -15.68
CA GLU A 230 18.65 12.35 -14.35
C GLU A 230 17.39 11.70 -13.74
N VAL A 231 16.23 12.30 -13.96
CA VAL A 231 15.01 11.71 -13.46
C VAL A 231 14.69 10.45 -14.23
N SER A 232 14.83 10.47 -15.56
CA SER A 232 14.58 9.24 -16.38
C SER A 232 15.39 8.03 -15.92
N LYS A 233 16.70 8.24 -15.78
CA LYS A 233 17.62 7.21 -15.31
C LYS A 233 17.09 6.62 -14.01
N LEU A 234 16.77 7.46 -13.03
CA LEU A 234 16.24 6.97 -11.72
C LEU A 234 14.92 6.26 -11.91
N VAL A 235 14.12 6.72 -12.87
CA VAL A 235 12.82 6.11 -13.18
C VAL A 235 12.90 4.67 -13.72
N THR A 236 13.79 4.42 -14.68
CA THR A 236 14.09 3.04 -15.15
C THR A 236 14.58 2.11 -14.06
N ASP A 237 15.55 2.59 -13.29
CA ASP A 237 16.03 1.85 -12.14
C ASP A 237 14.93 1.50 -11.13
N LEU A 238 14.18 2.53 -10.74
CA LEU A 238 13.08 2.35 -9.78
C LEU A 238 12.00 1.36 -10.23
N THR A 239 11.58 1.47 -11.47
CA THR A 239 10.62 0.57 -12.07
C THR A 239 11.16 -0.82 -12.25
N LYS A 240 12.44 -0.95 -12.58
CA LYS A 240 13.07 -2.24 -12.60
C LYS A 240 13.03 -2.88 -11.20
N VAL A 241 13.48 -2.18 -10.18
CA VAL A 241 13.32 -2.68 -8.82
C VAL A 241 11.92 -3.25 -8.62
N HIS A 242 10.91 -2.41 -8.81
CA HIS A 242 9.58 -2.82 -8.42
C HIS A 242 9.02 -3.93 -9.27
N THR A 243 9.29 -3.86 -10.57
CA THR A 243 8.91 -4.93 -11.51
C THR A 243 9.34 -6.28 -10.90
N GLU A 244 10.58 -6.36 -10.44
CA GLU A 244 11.07 -7.64 -9.93
C GLU A 244 10.42 -8.04 -8.61
N CYS A 245 10.19 -7.05 -7.76
CA CYS A 245 9.64 -7.32 -6.44
C CYS A 245 8.25 -7.83 -6.57
N CYS A 246 7.42 -7.00 -7.20
CA CYS A 246 6.07 -7.38 -7.52
C CYS A 246 5.99 -8.67 -8.37
N HIS A 247 7.01 -9.01 -9.15
CA HIS A 247 7.06 -10.31 -9.83
C HIS A 247 7.64 -11.41 -8.95
N GLY A 248 8.03 -11.08 -7.72
CA GLY A 248 8.52 -12.10 -6.81
C GLY A 248 9.97 -12.54 -6.99
N ASP A 249 10.75 -11.77 -7.77
CA ASP A 249 12.21 -11.95 -7.88
C ASP A 249 12.92 -11.11 -6.81
N LEU A 250 12.76 -11.55 -5.55
CA LEU A 250 13.26 -10.73 -4.43
C LEU A 250 14.75 -10.45 -4.40
N LEU A 251 15.55 -11.39 -4.91
CA LEU A 251 16.98 -11.33 -4.72
C LEU A 251 17.54 -10.24 -5.60
N GLU A 252 17.18 -10.32 -6.87
CA GLU A 252 17.52 -9.27 -7.80
C GLU A 252 16.90 -7.96 -7.37
N CYS A 253 15.70 -8.02 -6.79
CA CYS A 253 14.98 -6.83 -6.28
C CYS A 253 15.85 -6.16 -5.21
N ALA A 254 16.36 -6.94 -4.23
CA ALA A 254 17.16 -6.33 -3.17
C ALA A 254 18.45 -5.81 -3.70
N ASP A 255 19.03 -6.57 -4.65
CA ASP A 255 20.33 -6.27 -5.22
C ASP A 255 20.29 -4.97 -5.98
N ASP A 256 19.32 -4.86 -6.90
CA ASP A 256 19.09 -3.66 -7.70
C ASP A 256 18.66 -2.47 -6.81
N ARG A 257 17.90 -2.74 -5.74
CA ARG A 257 17.58 -1.67 -4.77
C ARG A 257 18.80 -1.08 -4.05
N ALA A 258 19.68 -1.96 -3.56
CA ALA A 258 20.95 -1.53 -3.00
C ALA A 258 21.75 -0.67 -4.01
N ASP A 259 21.86 -1.15 -5.25
CA ASP A 259 22.58 -0.46 -6.34
C ASP A 259 22.05 0.95 -6.64
N LEU A 260 20.73 1.11 -6.59
CA LEU A 260 20.10 2.44 -6.75
C LEU A 260 20.56 3.36 -5.64
N ALA A 261 20.67 2.79 -4.43
CA ALA A 261 21.16 3.52 -3.28
C ALA A 261 22.62 3.87 -3.50
N LYS A 262 23.47 2.85 -3.74
CA LYS A 262 24.89 3.18 -4.04
C LYS A 262 24.85 4.30 -5.07
N TYR A 263 23.92 4.24 -6.02
CA TYR A 263 23.98 5.21 -7.11
C TYR A 263 23.59 6.60 -6.65
N ILE A 264 22.45 6.72 -5.99
CA ILE A 264 21.95 8.01 -5.54
C ILE A 264 22.98 8.68 -4.67
N CYS A 265 23.55 7.93 -3.72
CA CYS A 265 24.57 8.50 -2.79
C CYS A 265 25.87 9.00 -3.44
N GLU A 266 26.17 8.53 -4.65
CA GLU A 266 27.36 9.01 -5.35
C GLU A 266 27.10 10.25 -6.14
N ASN A 267 25.85 10.46 -6.55
CA ASN A 267 25.53 11.55 -7.48
C ASN A 267 24.65 12.60 -6.86
N GLN A 268 24.64 12.63 -5.53
CA GLN A 268 23.67 13.43 -4.81
C GLN A 268 23.78 14.96 -4.98
N ASP A 269 24.80 15.45 -5.69
CA ASP A 269 24.83 16.89 -6.05
C ASP A 269 24.14 17.12 -7.38
N SER A 270 23.80 16.03 -8.07
CA SER A 270 23.02 16.05 -9.33
C SER A 270 21.54 15.74 -9.10
N ILE A 271 21.19 15.28 -7.90
CA ILE A 271 19.84 14.78 -7.61
C ILE A 271 19.09 15.64 -6.59
N SER A 272 19.60 15.70 -5.37
CA SER A 272 18.97 16.53 -4.32
C SER A 272 19.94 16.88 -3.18
N SER A 273 19.69 17.98 -2.50
CA SER A 273 20.51 18.42 -1.37
C SER A 273 19.99 17.95 0.01
N LYS A 274 19.05 16.99 0.02
CA LYS A 274 18.50 16.44 1.25
C LYS A 274 19.03 15.05 1.62
N LEU A 275 19.91 14.50 0.79
CA LEU A 275 20.39 13.12 1.02
C LEU A 275 21.53 12.89 2.02
N LYS A 276 22.21 13.96 2.43
CA LYS A 276 23.35 13.84 3.34
C LYS A 276 23.15 12.76 4.42
N GLU A 277 22.11 12.93 5.22
CA GLU A 277 21.95 12.11 6.39
C GLU A 277 21.51 10.71 6.07
N CYS A 278 20.69 10.56 5.03
CA CYS A 278 20.30 9.22 4.55
C CYS A 278 21.51 8.41 4.05
N CYS A 279 22.40 9.07 3.33
CA CYS A 279 23.53 8.42 2.67
C CYS A 279 24.73 8.15 3.57
N GLU A 280 24.65 8.56 4.83
CA GLU A 280 25.64 8.21 5.88
C GLU A 280 25.18 6.99 6.67
N LYS A 281 23.98 6.49 6.37
CA LYS A 281 23.43 5.38 7.10
C LYS A 281 23.81 4.00 6.50
N PRO A 282 23.66 2.91 7.29
CA PRO A 282 23.86 1.53 6.84
C PRO A 282 22.84 1.09 5.77
N LEU A 283 23.21 0.09 4.96
CA LEU A 283 22.48 -0.20 3.70
C LEU A 283 20.96 -0.33 3.86
N LEU A 284 20.53 -1.16 4.81
CA LEU A 284 19.09 -1.38 5.05
C LEU A 284 18.39 -0.06 5.29
N GLU A 285 19.02 0.81 6.08
CA GLU A 285 18.46 2.10 6.49
C GLU A 285 18.46 3.13 5.39
N LYS A 286 19.55 3.21 4.63
CA LYS A 286 19.60 4.26 3.64
C LYS A 286 18.48 4.15 2.61
N SER A 287 18.18 2.96 2.15
CA SER A 287 17.14 2.86 1.15
C SER A 287 15.80 3.34 1.67
N HIS A 288 15.34 2.75 2.77
CA HIS A 288 14.20 3.26 3.55
C HIS A 288 14.28 4.76 3.77
N CYS A 289 15.49 5.28 3.99
CA CYS A 289 15.63 6.69 4.20
C CYS A 289 15.35 7.45 2.92
N ILE A 290 16.05 7.08 1.85
CA ILE A 290 15.90 7.74 0.57
C ILE A 290 14.46 7.76 0.10
N ALA A 291 13.75 6.65 0.27
CA ALA A 291 12.36 6.56 -0.18
C ALA A 291 11.41 7.47 0.59
N GLU A 292 11.89 8.14 1.63
CA GLU A 292 11.03 8.98 2.51
C GLU A 292 11.51 10.44 2.48
N VAL A 293 12.51 10.76 1.68
CA VAL A 293 13.13 12.06 1.87
C VAL A 293 12.16 13.18 1.56
N GLU A 294 12.35 14.29 2.29
CA GLU A 294 11.60 15.52 2.09
C GLU A 294 11.86 15.97 0.67
N ASN A 295 10.87 16.62 0.06
CA ASN A 295 11.07 17.23 -1.22
C ASN A 295 12.15 18.27 -1.07
N ASP A 296 13.09 18.30 -2.04
CA ASP A 296 14.11 19.34 -2.09
C ASP A 296 13.44 20.64 -2.48
N GLU A 297 14.14 21.75 -2.20
CA GLU A 297 13.64 23.09 -2.50
C GLU A 297 13.67 23.25 -4.00
N MET A 298 12.53 23.65 -4.55
CA MET A 298 12.34 23.84 -6.00
C MET A 298 13.17 25.02 -6.56
N PRO A 299 13.92 24.80 -7.66
CA PRO A 299 14.85 25.79 -8.27
C PRO A 299 14.37 27.22 -8.37
N ALA A 300 15.36 28.11 -8.35
CA ALA A 300 15.23 29.56 -8.21
C ALA A 300 14.29 30.28 -9.22
N ASP A 301 14.72 30.40 -10.48
CA ASP A 301 13.99 31.25 -11.43
C ASP A 301 13.45 30.46 -12.60
N LEU A 302 12.30 29.84 -12.37
CA LEU A 302 11.78 28.84 -13.28
C LEU A 302 10.76 29.43 -14.22
N PRO A 303 10.98 29.26 -15.54
CA PRO A 303 10.09 29.78 -16.57
C PRO A 303 8.77 29.06 -16.55
N SER A 304 7.66 29.80 -16.51
CA SER A 304 6.35 29.22 -16.73
C SER A 304 6.33 28.27 -17.95
N LEU A 305 5.44 27.29 -17.90
CA LEU A 305 5.44 26.18 -18.84
C LEU A 305 5.09 26.59 -20.26
N ALA A 306 3.92 27.21 -20.44
CA ALA A 306 3.50 27.87 -21.68
C ALA A 306 4.64 28.02 -22.72
N ALA A 307 5.75 28.62 -22.28
CA ALA A 307 6.97 28.75 -23.07
C ALA A 307 7.09 27.72 -24.22
N ASP A 308 7.29 26.45 -23.86
CA ASP A 308 7.58 25.37 -24.79
C ASP A 308 6.44 24.38 -24.98
N PHE A 309 5.52 24.28 -24.01
CA PHE A 309 4.33 23.42 -24.17
C PHE A 309 3.05 24.09 -24.69
N VAL A 310 3.05 25.42 -24.80
CA VAL A 310 1.88 26.12 -25.38
C VAL A 310 2.23 27.14 -26.48
N GLU A 311 3.02 28.15 -26.13
CA GLU A 311 3.45 29.16 -27.07
C GLU A 311 4.18 28.61 -28.30
N SER A 312 5.00 27.58 -28.13
CA SER A 312 5.83 27.09 -29.23
C SER A 312 5.11 26.76 -30.52
N LYS A 313 5.86 26.88 -31.62
CA LYS A 313 5.37 26.54 -32.94
C LYS A 313 5.61 25.04 -33.20
N ASP A 314 6.66 24.51 -32.60
CA ASP A 314 6.96 23.07 -32.72
C ASP A 314 6.14 22.19 -31.79
N VAL A 315 5.19 22.74 -31.08
CA VAL A 315 4.33 21.91 -30.23
C VAL A 315 3.99 20.59 -30.90
N CYS A 316 3.22 20.64 -32.00
CA CYS A 316 2.69 19.44 -32.73
C CYS A 316 3.76 18.64 -33.43
N LYS A 317 4.77 19.32 -33.98
CA LYS A 317 5.99 18.66 -34.46
C LYS A 317 6.56 17.75 -33.34
N ASN A 318 6.80 18.27 -32.16
CA ASN A 318 7.48 17.49 -31.10
C ASN A 318 6.69 16.34 -30.52
N TYR A 319 5.36 16.51 -30.42
CA TYR A 319 4.46 15.47 -29.90
C TYR A 319 4.33 14.30 -30.86
N ALA A 320 4.37 14.59 -32.15
CA ALA A 320 4.33 13.55 -33.17
C ALA A 320 5.68 12.89 -33.20
N GLU A 321 6.73 13.71 -33.16
CA GLU A 321 8.10 13.21 -33.45
C GLU A 321 8.78 12.49 -32.29
N ALA A 322 8.25 12.71 -31.07
CA ALA A 322 8.80 12.17 -29.83
C ALA A 322 7.79 12.19 -28.66
N LYS A 323 6.58 11.63 -28.85
CA LYS A 323 5.51 11.80 -27.85
C LYS A 323 5.93 11.47 -26.42
N ASP A 324 6.47 10.27 -26.23
CA ASP A 324 6.85 9.75 -24.93
C ASP A 324 7.88 10.60 -24.20
N VAL A 325 8.94 10.99 -24.92
CA VAL A 325 9.92 11.93 -24.40
C VAL A 325 9.27 13.28 -24.07
N PHE A 326 8.50 13.80 -25.02
CA PHE A 326 7.81 15.08 -24.89
C PHE A 326 6.84 15.09 -23.72
N LEU A 327 5.91 14.14 -23.69
CA LEU A 327 4.97 14.04 -22.56
C LEU A 327 5.69 13.74 -21.29
N GLY A 328 6.85 13.10 -21.42
CA GLY A 328 7.74 12.95 -20.29
C GLY A 328 8.21 14.30 -19.77
N MET A 329 8.64 15.17 -20.69
CA MET A 329 9.18 16.48 -20.29
C MET A 329 8.10 17.29 -19.59
N PHE A 330 6.88 17.23 -20.13
CA PHE A 330 5.79 18.01 -19.58
C PHE A 330 5.53 17.69 -18.11
N LEU A 331 5.20 16.43 -17.85
CA LEU A 331 4.87 15.91 -16.51
C LEU A 331 5.97 16.31 -15.56
N TYR A 332 7.20 16.19 -16.04
CA TYR A 332 8.38 16.50 -15.28
C TYR A 332 8.44 17.96 -14.91
N GLU A 333 8.30 18.86 -15.91
CA GLU A 333 8.32 20.33 -15.68
C GLU A 333 7.13 20.75 -14.89
N TYR A 334 6.00 20.10 -15.11
CA TYR A 334 4.85 20.48 -14.31
C TYR A 334 4.99 20.00 -12.85
N ALA A 335 5.45 18.77 -12.68
CA ALA A 335 5.56 18.19 -11.34
C ALA A 335 6.59 18.95 -10.52
N ARG A 336 7.76 19.20 -11.10
CA ARG A 336 8.83 19.83 -10.35
C ARG A 336 8.41 21.17 -9.74
N ARG A 337 7.40 21.82 -10.31
CA ARG A 337 6.89 23.07 -9.73
C ARG A 337 5.53 22.93 -8.97
N HIS A 338 5.01 21.72 -8.86
CA HIS A 338 3.88 21.57 -7.98
C HIS A 338 3.99 20.47 -6.90
N PRO A 339 4.93 20.66 -5.95
CA PRO A 339 4.98 19.75 -4.81
C PRO A 339 3.67 19.74 -4.05
N ASP A 340 2.81 20.72 -4.31
CA ASP A 340 1.49 20.85 -3.68
C ASP A 340 0.39 20.24 -4.52
N TYR A 341 0.73 19.54 -5.60
CA TYR A 341 -0.29 18.78 -6.32
C TYR A 341 -0.10 17.31 -6.00
N SER A 342 -1.16 16.56 -5.79
CA SER A 342 -0.92 15.14 -5.65
C SER A 342 -0.40 14.57 -6.97
N VAL A 343 0.47 13.57 -6.89
CA VAL A 343 0.79 12.76 -8.07
C VAL A 343 -0.46 12.41 -8.92
N VAL A 344 -1.54 11.85 -8.35
CA VAL A 344 -2.75 11.59 -9.19
C VAL A 344 -3.21 12.79 -10.02
N LEU A 345 -3.23 13.96 -9.41
CA LEU A 345 -3.71 15.13 -10.11
C LEU A 345 -2.82 15.41 -11.31
N LEU A 346 -1.51 15.46 -11.08
CA LEU A 346 -0.58 15.73 -12.15
C LEU A 346 -0.70 14.68 -13.21
N LEU A 347 -0.87 13.41 -12.82
CA LEU A 347 -1.06 12.44 -13.87
C LEU A 347 -2.32 12.70 -14.72
N ARG A 348 -3.43 13.15 -14.08
CA ARG A 348 -4.67 13.57 -14.80
C ARG A 348 -4.36 14.73 -15.73
N LEU A 349 -3.63 15.71 -15.20
CA LEU A 349 -3.25 16.86 -15.94
C LEU A 349 -2.49 16.46 -17.15
N ALA A 350 -1.71 15.38 -17.03
CA ALA A 350 -0.79 15.02 -18.10
C ALA A 350 -1.61 14.37 -19.18
N LYS A 351 -2.51 13.48 -18.78
CA LYS A 351 -3.39 12.78 -19.69
C LYS A 351 -4.32 13.79 -20.45
N THR A 352 -4.87 14.75 -19.71
CA THR A 352 -5.70 15.81 -20.30
C THR A 352 -4.94 16.65 -21.33
N TYR A 353 -3.61 16.64 -21.26
CA TYR A 353 -2.83 17.45 -22.15
C TYR A 353 -2.56 16.69 -23.43
N GLU A 354 -2.18 15.42 -23.27
CA GLU A 354 -1.90 14.55 -24.41
C GLU A 354 -3.16 14.42 -25.26
N THR A 355 -4.28 14.18 -24.59
CA THR A 355 -5.61 14.10 -25.20
C THR A 355 -5.98 15.36 -25.99
N THR A 356 -5.75 16.54 -25.41
CA THR A 356 -5.94 17.79 -26.11
C THR A 356 -5.02 17.87 -27.33
N LEU A 357 -3.72 17.67 -27.14
CA LEU A 357 -2.79 17.63 -28.28
C LEU A 357 -3.27 16.67 -29.39
N GLU A 358 -3.85 15.54 -28.97
CA GLU A 358 -4.43 14.55 -29.88
C GLU A 358 -5.44 15.13 -30.91
N LYS A 359 -6.44 15.88 -30.43
CA LYS A 359 -7.44 16.58 -31.26
C LYS A 359 -6.87 17.78 -32.03
N CYS A 360 -5.99 18.53 -31.37
CA CYS A 360 -5.61 19.85 -31.88
C CYS A 360 -4.68 19.78 -33.05
N CYS A 361 -3.81 18.79 -33.03
CA CYS A 361 -2.82 18.66 -34.08
C CYS A 361 -3.47 18.09 -35.33
N ALA A 362 -4.57 17.37 -35.11
CA ALA A 362 -5.37 16.82 -36.18
C ALA A 362 -6.20 17.86 -36.96
N ALA A 363 -6.31 19.09 -36.43
CA ALA A 363 -7.22 20.11 -36.97
C ALA A 363 -6.48 21.30 -37.60
N ALA A 364 -7.24 22.14 -38.29
CA ALA A 364 -6.75 23.17 -39.22
C ALA A 364 -5.97 24.34 -38.60
N ASP A 365 -6.27 24.66 -37.34
CA ASP A 365 -5.51 25.66 -36.63
C ASP A 365 -5.08 25.11 -35.27
N PRO A 366 -4.01 24.28 -35.27
CA PRO A 366 -3.60 23.64 -34.02
C PRO A 366 -3.25 24.68 -32.97
N HIS A 367 -2.33 25.59 -33.29
CA HIS A 367 -1.95 26.58 -32.28
C HIS A 367 -3.15 27.17 -31.54
N GLU A 368 -4.26 27.43 -32.24
CA GLU A 368 -5.46 28.01 -31.60
C GLU A 368 -6.26 27.03 -30.74
N CYS A 369 -6.60 25.86 -31.28
CA CYS A 369 -7.27 24.82 -30.49
C CYS A 369 -6.54 24.53 -29.17
N TYR A 370 -5.20 24.48 -29.17
CA TYR A 370 -4.45 24.09 -27.95
C TYR A 370 -4.02 25.21 -26.95
N ALA A 371 -4.17 26.47 -27.33
CA ALA A 371 -3.71 27.57 -26.45
C ALA A 371 -4.59 27.73 -25.21
N LYS A 372 -5.78 27.16 -25.27
CA LYS A 372 -6.69 27.13 -24.14
C LYS A 372 -6.49 25.87 -23.30
N VAL A 373 -5.38 25.15 -23.52
CA VAL A 373 -5.17 23.87 -22.83
C VAL A 373 -5.09 24.01 -21.30
N PHE A 374 -4.25 24.93 -20.85
CA PHE A 374 -4.05 25.22 -19.43
C PHE A 374 -5.33 25.61 -18.74
N ASP A 375 -6.34 25.95 -19.54
CA ASP A 375 -7.61 26.41 -19.01
C ASP A 375 -8.57 25.21 -18.72
N GLU A 376 -8.18 24.01 -19.15
CA GLU A 376 -8.90 22.77 -18.81
C GLU A 376 -8.32 22.09 -17.57
N PHE A 377 -7.34 22.72 -16.93
CA PHE A 377 -6.81 22.17 -15.68
C PHE A 377 -7.65 22.68 -14.54
N LYS A 378 -8.14 23.90 -14.71
CA LYS A 378 -8.90 24.57 -13.67
C LYS A 378 -9.81 23.55 -12.96
N PRO A 379 -10.81 23.01 -13.66
CA PRO A 379 -11.75 22.19 -12.93
C PRO A 379 -11.12 20.99 -12.25
N LEU A 380 -10.09 20.43 -12.90
CA LEU A 380 -9.41 19.23 -12.37
C LEU A 380 -8.68 19.53 -11.07
N VAL A 381 -8.02 20.68 -11.00
CA VAL A 381 -7.38 21.13 -9.78
C VAL A 381 -8.43 21.41 -8.68
N GLU A 382 -9.52 22.08 -9.07
CA GLU A 382 -10.54 22.50 -8.11
C GLU A 382 -11.12 21.30 -7.36
N GLU A 383 -11.61 20.31 -8.09
CA GLU A 383 -12.31 19.15 -7.49
C GLU A 383 -11.63 18.56 -6.25
N PRO A 384 -10.35 18.16 -6.34
CA PRO A 384 -9.71 17.60 -5.15
C PRO A 384 -9.59 18.66 -4.05
N GLN A 385 -9.19 19.87 -4.43
CA GLN A 385 -9.05 21.01 -3.51
C GLN A 385 -10.24 21.18 -2.58
N ASN A 386 -11.45 21.24 -3.17
CA ASN A 386 -12.64 21.39 -2.34
C ASN A 386 -12.89 20.19 -1.44
N LEU A 387 -12.93 19.01 -2.06
CA LEU A 387 -13.18 17.75 -1.36
C LEU A 387 -12.24 17.56 -0.16
N ILE A 388 -11.00 18.00 -0.31
CA ILE A 388 -10.04 17.92 0.78
C ILE A 388 -10.30 18.97 1.83
N LYS A 389 -10.87 20.11 1.45
CA LYS A 389 -11.16 21.13 2.46
C LYS A 389 -12.40 20.72 3.22
N GLN A 390 -13.47 20.39 2.50
CA GLN A 390 -14.72 19.94 3.11
C GLN A 390 -14.53 18.88 4.21
N ASN A 391 -14.03 17.69 3.86
CA ASN A 391 -13.86 16.67 4.91
C ASN A 391 -12.68 16.83 5.88
N CYS A 392 -11.68 17.62 5.51
CA CYS A 392 -10.68 17.99 6.50
C CYS A 392 -11.31 18.87 7.59
N GLU A 393 -12.43 19.51 7.27
CA GLU A 393 -13.14 20.32 8.23
C GLU A 393 -14.07 19.46 9.02
N LEU A 394 -14.92 18.68 8.32
CA LEU A 394 -15.83 17.71 8.96
C LEU A 394 -15.11 16.91 10.05
N PHE A 395 -13.80 16.75 9.88
CA PHE A 395 -13.02 15.94 10.75
C PHE A 395 -12.42 16.69 11.95
N GLU A 396 -12.22 18.00 11.80
CA GLU A 396 -11.77 18.85 12.91
C GLU A 396 -13.02 19.11 13.72
N GLN A 397 -14.15 19.05 13.03
CA GLN A 397 -15.49 19.15 13.61
C GLN A 397 -16.06 17.81 14.08
N LEU A 398 -15.27 16.74 14.02
CA LEU A 398 -15.76 15.43 14.42
C LEU A 398 -14.79 14.49 15.11
N GLY A 399 -13.49 14.61 14.82
CA GLY A 399 -12.50 13.64 15.31
C GLY A 399 -12.49 12.32 14.52
N GLU A 400 -11.36 11.62 14.60
CA GLU A 400 -11.14 10.41 13.81
C GLU A 400 -12.24 9.35 13.92
N TYR A 401 -12.49 8.85 15.12
CA TYR A 401 -13.47 7.82 15.29
C TYR A 401 -14.82 8.26 14.74
N LYS A 402 -15.22 9.48 15.01
CA LYS A 402 -16.54 9.95 14.55
C LYS A 402 -16.48 10.23 13.05
N PHE A 403 -15.30 10.64 12.59
CA PHE A 403 -15.05 10.82 11.18
C PHE A 403 -15.20 9.47 10.43
N GLN A 404 -14.59 8.42 10.99
CA GLN A 404 -14.71 7.08 10.40
C GLN A 404 -16.13 6.56 10.30
N ASN A 405 -16.98 6.87 11.26
CA ASN A 405 -18.37 6.37 11.19
C ASN A 405 -19.15 6.99 10.07
N ALA A 406 -18.82 8.25 9.79
CA ALA A 406 -19.48 9.00 8.73
C ALA A 406 -19.07 8.42 7.36
N LEU A 407 -17.78 8.19 7.18
CA LEU A 407 -17.22 7.55 5.94
C LEU A 407 -17.81 6.18 5.74
N LEU A 408 -18.05 5.52 6.86
CA LEU A 408 -18.55 4.16 6.95
C LEU A 408 -19.99 4.02 6.48
N VAL A 409 -20.82 5.05 6.69
CA VAL A 409 -22.23 5.03 6.22
C VAL A 409 -22.31 5.50 4.77
N ARG A 410 -21.62 6.59 4.45
CA ARG A 410 -21.37 7.01 3.05
C ARG A 410 -20.91 5.84 2.16
N TYR A 411 -19.66 5.40 2.32
CA TYR A 411 -19.21 4.25 1.50
C TYR A 411 -20.06 2.96 1.55
N THR A 412 -20.76 2.67 2.63
CA THR A 412 -21.64 1.51 2.60
C THR A 412 -22.79 1.80 1.69
N LYS A 413 -23.20 3.09 1.63
CA LYS A 413 -24.38 3.46 0.82
C LYS A 413 -24.03 3.41 -0.66
N LYS A 414 -22.85 3.92 -0.99
CA LYS A 414 -22.28 3.82 -2.32
C LYS A 414 -22.31 2.38 -2.78
N VAL A 415 -21.61 1.50 -2.04
CA VAL A 415 -21.41 0.09 -2.45
C VAL A 415 -21.77 -0.94 -1.36
N PRO A 416 -23.08 -1.13 -1.15
CA PRO A 416 -23.57 -1.94 -0.06
C PRO A 416 -23.41 -3.43 -0.30
N GLN A 417 -22.95 -3.81 -1.47
CA GLN A 417 -22.72 -5.24 -1.71
C GLN A 417 -21.47 -5.76 -0.98
N VAL A 418 -20.44 -4.93 -0.89
CA VAL A 418 -19.11 -5.31 -0.40
C VAL A 418 -19.23 -5.87 0.99
N SER A 419 -18.33 -6.77 1.35
CA SER A 419 -18.43 -7.45 2.65
C SER A 419 -18.20 -6.49 3.80
N THR A 420 -18.86 -6.75 4.91
CA THR A 420 -18.74 -5.88 6.09
C THR A 420 -17.28 -5.65 6.47
N PRO A 421 -16.52 -6.74 6.77
CA PRO A 421 -15.12 -6.58 7.23
C PRO A 421 -14.33 -5.73 6.24
N THR A 422 -14.57 -5.88 4.96
CA THR A 422 -13.92 -5.02 4.01
C THR A 422 -14.43 -3.58 4.19
N LEU A 423 -15.73 -3.43 4.32
CA LEU A 423 -16.23 -2.10 4.46
C LEU A 423 -15.60 -1.46 5.69
N VAL A 424 -15.69 -2.13 6.85
CA VAL A 424 -15.11 -1.56 8.06
C VAL A 424 -13.62 -1.21 7.93
N GLU A 425 -12.83 -2.13 7.37
CA GLU A 425 -11.40 -1.98 7.28
C GLU A 425 -11.01 -0.79 6.41
N VAL A 426 -11.55 -0.77 5.19
CA VAL A 426 -11.36 0.36 4.26
C VAL A 426 -11.78 1.72 4.86
N SER A 427 -13.01 1.81 5.33
CA SER A 427 -13.54 3.06 5.86
C SER A 427 -12.71 3.60 7.05
N ARG A 428 -12.28 2.72 7.95
CA ARG A 428 -11.49 3.16 9.09
C ARG A 428 -10.19 3.72 8.58
N ASN A 429 -9.56 3.00 7.66
CA ASN A 429 -8.34 3.48 7.03
C ASN A 429 -8.55 4.75 6.21
N LEU A 430 -9.75 4.92 5.66
CA LEU A 430 -10.10 6.19 5.06
C LEU A 430 -10.13 7.30 6.11
N GLY A 431 -10.54 6.97 7.34
CA GLY A 431 -10.58 7.96 8.41
C GLY A 431 -9.20 8.42 8.82
N LYS A 432 -8.24 7.50 8.81
CA LYS A 432 -6.85 7.79 9.18
C LYS A 432 -6.21 8.92 8.33
N VAL A 433 -7.00 9.54 7.45
CA VAL A 433 -6.45 10.56 6.55
C VAL A 433 -6.57 11.91 7.22
N GLY A 434 -7.78 12.25 7.67
CA GLY A 434 -7.97 13.44 8.49
C GLY A 434 -6.80 13.52 9.46
N SER A 435 -6.75 12.57 10.38
CA SER A 435 -5.65 12.49 11.30
C SER A 435 -4.28 12.73 10.64
N LYS A 436 -4.00 12.02 9.54
CA LYS A 436 -2.65 12.02 9.00
C LYS A 436 -2.37 13.30 8.28
N CYS A 437 -3.35 13.78 7.53
CA CYS A 437 -3.12 14.87 6.59
C CYS A 437 -3.63 16.26 7.04
N CYS A 438 -4.84 16.34 7.60
CA CYS A 438 -5.47 17.64 7.93
C CYS A 438 -4.69 18.51 8.91
N LYS A 439 -3.70 17.94 9.61
CA LYS A 439 -2.76 18.76 10.38
C LYS A 439 -1.91 19.67 9.46
N HIS A 440 -1.23 19.06 8.48
CA HIS A 440 -0.42 19.72 7.45
C HIS A 440 -0.93 21.08 6.98
N PRO A 441 -0.01 21.98 6.56
CA PRO A 441 -0.39 23.25 5.88
C PRO A 441 -0.84 23.02 4.43
N GLU A 442 -1.97 23.64 4.05
CA GLU A 442 -2.63 23.42 2.75
C GLU A 442 -1.80 23.06 1.48
N ALA A 443 -0.54 23.48 1.42
CA ALA A 443 0.32 23.09 0.28
C ALA A 443 0.95 21.72 0.46
N LYS A 444 0.51 21.02 1.50
CA LYS A 444 0.93 19.64 1.74
C LYS A 444 -0.30 18.76 1.97
N ARG A 445 -1.42 19.38 2.26
CA ARG A 445 -2.66 18.64 2.45
C ARG A 445 -2.94 17.69 1.30
N MET A 446 -2.88 18.21 0.06
CA MET A 446 -3.36 17.44 -1.10
C MET A 446 -2.52 16.20 -1.53
N PRO A 447 -1.21 16.36 -1.71
CA PRO A 447 -0.44 15.13 -2.01
C PRO A 447 -0.64 14.09 -0.89
N CYS A 448 -0.53 14.51 0.37
CA CYS A 448 -0.88 13.66 1.46
C CYS A 448 -2.25 13.07 1.23
N ALA A 449 -3.30 13.87 1.35
CA ALA A 449 -4.62 13.29 1.32
C ALA A 449 -4.82 12.40 0.11
N GLU A 450 -4.59 12.94 -1.08
CA GLU A 450 -5.00 12.17 -2.24
C GLU A 450 -4.09 10.97 -2.47
N ASP A 451 -2.80 11.15 -2.24
CA ASP A 451 -1.92 10.00 -2.45
C ASP A 451 -2.20 8.88 -1.44
N TYR A 452 -2.59 9.26 -0.22
CA TYR A 452 -3.05 8.32 0.79
C TYR A 452 -4.34 7.64 0.42
N LEU A 453 -5.33 8.40 -0.06
CA LEU A 453 -6.63 7.79 -0.49
C LEU A 453 -6.53 6.68 -1.59
N SER A 454 -5.58 6.80 -2.53
CA SER A 454 -5.37 5.80 -3.58
C SER A 454 -4.94 4.45 -3.02
N VAL A 455 -4.05 4.49 -2.03
CA VAL A 455 -3.60 3.31 -1.32
C VAL A 455 -4.76 2.54 -0.69
N VAL A 456 -5.55 3.22 0.14
CA VAL A 456 -6.77 2.61 0.80
C VAL A 456 -7.89 2.20 -0.19
N LEU A 457 -8.07 2.94 -1.26
CA LEU A 457 -8.99 2.53 -2.31
C LEU A 457 -8.49 1.28 -3.05
N ASN A 458 -7.19 1.23 -3.30
CA ASN A 458 -6.62 0.01 -3.87
C ASN A 458 -6.82 -1.19 -2.95
N GLN A 459 -6.74 -0.97 -1.65
CA GLN A 459 -7.01 -2.05 -0.71
C GLN A 459 -8.36 -2.57 -0.98
N LEU A 460 -9.33 -1.68 -1.07
CA LEU A 460 -10.72 -2.09 -1.37
C LEU A 460 -10.76 -2.76 -2.74
N CYS A 461 -10.10 -2.13 -3.71
CA CYS A 461 -9.97 -2.75 -5.01
C CYS A 461 -9.48 -4.16 -4.92
N VAL A 462 -8.35 -4.41 -4.27
CA VAL A 462 -7.81 -5.82 -4.22
C VAL A 462 -8.54 -6.78 -3.25
N LEU A 463 -9.14 -6.27 -2.19
CA LEU A 463 -9.87 -7.13 -1.24
C LEU A 463 -11.20 -7.66 -1.84
N HIS A 464 -11.83 -6.83 -2.70
CA HIS A 464 -13.11 -7.10 -3.37
C HIS A 464 -12.86 -8.01 -4.54
N GLU A 465 -11.67 -7.88 -5.11
CA GLU A 465 -11.26 -8.60 -6.32
C GLU A 465 -11.28 -10.12 -6.11
N LYS A 466 -10.95 -10.59 -4.90
CA LYS A 466 -10.89 -12.02 -4.67
C LYS A 466 -12.25 -12.62 -4.97
N THR A 467 -13.33 -11.86 -4.71
CA THR A 467 -14.72 -12.35 -4.86
C THR A 467 -15.67 -11.18 -5.11
N PRO A 468 -15.76 -10.73 -6.37
CA PRO A 468 -16.53 -9.53 -6.68
C PRO A 468 -17.99 -9.73 -6.39
N VAL A 469 -18.63 -8.70 -5.84
CA VAL A 469 -20.05 -8.72 -5.50
C VAL A 469 -20.72 -7.40 -5.90
N SER A 470 -19.91 -6.38 -6.18
CA SER A 470 -20.37 -5.06 -6.54
C SER A 470 -19.75 -4.50 -7.83
N ASP A 471 -20.54 -4.50 -8.90
CA ASP A 471 -20.09 -4.04 -10.23
C ASP A 471 -19.71 -2.55 -10.27
N ARG A 472 -20.24 -1.77 -9.32
CA ARG A 472 -19.81 -0.38 -9.11
C ARG A 472 -18.33 -0.28 -8.66
N VAL A 473 -17.84 -1.31 -7.99
CA VAL A 473 -16.50 -1.33 -7.44
C VAL A 473 -15.56 -1.86 -8.46
N THR A 474 -15.92 -3.01 -9.02
CA THR A 474 -15.21 -3.56 -10.19
C THR A 474 -14.97 -2.49 -11.27
N LYS A 475 -15.97 -1.66 -11.58
CA LYS A 475 -15.81 -0.64 -12.60
C LYS A 475 -14.75 0.42 -12.26
N CYS A 476 -14.87 1.01 -11.07
CA CYS A 476 -13.94 2.07 -10.62
C CYS A 476 -12.52 1.54 -10.42
N CYS A 477 -12.45 0.22 -10.21
CA CYS A 477 -11.19 -0.47 -9.99
C CYS A 477 -10.52 -0.82 -11.30
N THR A 478 -11.26 -0.95 -12.39
CA THR A 478 -10.59 -1.27 -13.67
C THR A 478 -10.48 -0.10 -14.66
N GLU A 479 -11.14 1.02 -14.39
CA GLU A 479 -11.23 2.07 -15.42
C GLU A 479 -9.95 2.87 -15.65
N SER A 480 -9.15 3.01 -14.61
CA SER A 480 -8.01 3.91 -14.63
C SER A 480 -7.62 4.18 -13.20
N LEU A 481 -6.38 3.79 -12.90
CA LEU A 481 -5.84 3.89 -11.58
C LEU A 481 -5.90 5.34 -11.09
N VAL A 482 -5.37 6.25 -11.92
CA VAL A 482 -5.52 7.70 -11.75
C VAL A 482 -6.94 8.23 -11.41
N ASN A 483 -7.94 7.92 -12.23
CA ASN A 483 -9.34 8.35 -12.00
C ASN A 483 -10.04 7.70 -10.79
N ARG A 484 -9.38 6.71 -10.18
CA ARG A 484 -10.01 5.78 -9.21
C ARG A 484 -10.73 6.48 -8.11
N ARG A 485 -10.10 7.53 -7.57
CA ARG A 485 -10.65 8.31 -6.45
C ARG A 485 -11.92 9.08 -6.85
N PRO A 486 -11.85 9.96 -7.91
CA PRO A 486 -13.01 10.67 -8.44
C PRO A 486 -14.15 9.73 -8.76
N CYS A 487 -13.83 8.60 -9.39
CA CYS A 487 -14.81 7.57 -9.64
C CYS A 487 -15.52 7.17 -8.35
N PHE A 488 -14.79 7.13 -7.22
CA PHE A 488 -15.42 6.70 -5.95
C PHE A 488 -16.19 7.82 -5.26
N SER A 489 -15.59 9.00 -5.26
CA SER A 489 -16.22 10.19 -4.78
C SER A 489 -17.57 10.48 -5.45
N ALA A 490 -17.65 10.30 -6.77
CA ALA A 490 -18.82 10.70 -7.54
C ALA A 490 -20.02 9.75 -7.40
N LEU A 491 -19.77 8.53 -6.92
CA LEU A 491 -20.84 7.57 -6.62
C LEU A 491 -21.79 8.16 -5.58
N GLU A 492 -23.06 7.76 -5.65
CA GLU A 492 -24.09 8.19 -4.70
C GLU A 492 -24.77 6.91 -4.31
N VAL A 493 -25.72 6.99 -3.38
CA VAL A 493 -26.39 5.79 -2.87
C VAL A 493 -26.89 4.84 -3.96
N ASP A 494 -26.94 3.54 -3.66
CA ASP A 494 -27.21 2.51 -4.66
C ASP A 494 -28.69 2.17 -4.62
N GLU A 495 -29.48 2.93 -5.37
CA GLU A 495 -30.94 2.80 -5.34
C GLU A 495 -31.48 1.50 -5.98
N THR A 496 -30.67 0.76 -6.74
CA THR A 496 -31.07 -0.59 -7.18
C THR A 496 -31.12 -1.55 -6.00
N TYR A 497 -30.18 -1.37 -5.07
CA TYR A 497 -29.91 -2.35 -3.99
C TYR A 497 -31.15 -2.81 -3.28
N VAL A 498 -31.28 -4.14 -3.21
CA VAL A 498 -32.34 -4.81 -2.47
C VAL A 498 -31.99 -4.68 -1.01
N PRO A 499 -32.80 -3.93 -0.22
CA PRO A 499 -32.53 -3.79 1.21
C PRO A 499 -32.36 -5.13 1.92
N LYS A 500 -31.42 -5.19 2.87
CA LYS A 500 -31.00 -6.48 3.45
C LYS A 500 -32.04 -7.10 4.40
N GLU A 501 -31.98 -8.42 4.53
CA GLU A 501 -32.85 -9.22 5.41
C GLU A 501 -32.35 -9.39 6.88
N PHE A 502 -32.86 -8.57 7.80
CA PHE A 502 -32.53 -8.64 9.25
C PHE A 502 -32.23 -10.04 9.79
N ASN A 503 -31.07 -10.19 10.44
CA ASN A 503 -30.60 -11.51 10.88
C ASN A 503 -30.21 -11.57 12.36
N ALA A 504 -30.87 -12.45 13.12
CA ALA A 504 -30.52 -12.73 14.52
C ALA A 504 -29.06 -13.17 14.70
N GLU A 505 -28.56 -13.90 13.71
CA GLU A 505 -27.14 -14.21 13.59
C GLU A 505 -26.31 -12.97 13.29
N THR A 506 -26.38 -12.00 14.21
CA THR A 506 -25.60 -10.76 14.11
C THR A 506 -25.50 -10.11 15.46
N PHE A 507 -26.56 -9.36 15.78
CA PHE A 507 -26.70 -8.67 17.06
C PHE A 507 -26.94 -9.66 18.20
N THR A 508 -26.68 -10.94 17.93
CA THR A 508 -26.31 -11.92 18.94
C THR A 508 -25.07 -11.35 19.60
N PHE A 509 -24.98 -11.51 20.92
CA PHE A 509 -23.82 -11.00 21.61
C PHE A 509 -22.99 -11.96 22.45
N HIS A 510 -22.10 -11.36 23.22
CA HIS A 510 -20.86 -12.00 23.55
C HIS A 510 -20.27 -11.16 24.65
N ALA A 511 -20.78 -11.37 25.86
CA ALA A 511 -20.22 -10.84 27.10
C ALA A 511 -18.73 -10.48 27.09
N ASP A 512 -17.99 -11.06 26.16
CA ASP A 512 -16.63 -10.60 25.83
C ASP A 512 -16.59 -9.11 25.49
N ILE A 513 -17.61 -8.63 24.77
CA ILE A 513 -17.65 -7.22 24.37
C ILE A 513 -17.41 -6.27 25.54
N CYS A 514 -17.77 -6.67 26.76
CA CYS A 514 -17.44 -5.87 27.94
C CYS A 514 -15.92 -5.72 28.23
N THR A 515 -15.10 -6.61 27.70
CA THR A 515 -13.70 -6.58 28.05
C THR A 515 -12.80 -6.32 26.87
N LEU A 516 -13.37 -5.85 25.77
CA LEU A 516 -12.60 -5.65 24.54
C LEU A 516 -11.77 -4.44 24.73
N SER A 517 -10.63 -4.42 24.03
CA SER A 517 -9.83 -3.21 23.86
C SER A 517 -10.70 -2.13 23.25
N GLU A 518 -10.39 -0.87 23.57
CA GLU A 518 -11.03 0.28 22.91
C GLU A 518 -11.14 0.12 21.37
N LYS A 519 -10.03 -0.28 20.73
CA LYS A 519 -10.02 -0.60 19.29
C LYS A 519 -11.08 -1.65 18.94
N GLU A 520 -10.87 -2.89 19.39
CA GLU A 520 -11.87 -3.94 19.17
C GLU A 520 -13.29 -3.45 19.49
N ARG A 521 -13.42 -2.50 20.43
CA ARG A 521 -14.73 -2.06 20.88
C ARG A 521 -15.38 -1.15 19.86
N GLN A 522 -14.58 -0.26 19.29
CA GLN A 522 -15.05 0.54 18.20
C GLN A 522 -15.31 -0.30 16.98
N ILE A 523 -14.57 -1.38 16.78
CA ILE A 523 -14.69 -2.22 15.57
C ILE A 523 -15.97 -3.05 15.56
N LYS A 524 -16.48 -3.42 16.74
CA LYS A 524 -17.72 -4.17 16.82
C LYS A 524 -18.89 -3.25 16.47
N LYS A 525 -18.80 -2.01 16.94
CA LYS A 525 -19.86 -1.03 16.77
C LYS A 525 -20.01 -0.69 15.27
N GLN A 526 -18.89 -0.29 14.69
CA GLN A 526 -18.82 0.04 13.30
C GLN A 526 -19.38 -1.09 12.47
N THR A 527 -18.98 -2.32 12.80
CA THR A 527 -19.48 -3.54 12.17
C THR A 527 -21.00 -3.60 12.36
N ALA A 528 -21.49 -3.19 13.52
CA ALA A 528 -22.95 -3.21 13.74
C ALA A 528 -23.61 -2.11 12.89
N LEU A 529 -23.02 -0.92 12.94
CA LEU A 529 -23.44 0.19 12.08
C LEU A 529 -23.66 -0.20 10.61
N VAL A 530 -22.66 -0.87 10.01
CA VAL A 530 -22.77 -1.33 8.64
C VAL A 530 -24.02 -2.17 8.46
N GLU A 531 -24.12 -3.21 9.25
CA GLU A 531 -25.26 -4.07 9.19
C GLU A 531 -26.51 -3.23 9.15
N LEU A 532 -26.59 -2.31 10.11
CA LEU A 532 -27.73 -1.44 10.28
C LEU A 532 -28.07 -0.78 8.94
N VAL A 533 -27.13 0.01 8.44
CA VAL A 533 -27.25 0.72 7.18
C VAL A 533 -27.57 -0.17 6.02
N LYS A 534 -27.15 -1.43 6.08
CA LYS A 534 -27.38 -2.38 4.99
C LYS A 534 -28.79 -2.93 5.11
N HIS A 535 -29.37 -2.73 6.28
CA HIS A 535 -30.72 -3.17 6.53
C HIS A 535 -31.72 -2.11 6.01
N LYS A 536 -31.45 -0.84 6.31
CA LYS A 536 -32.14 0.27 5.65
C LYS A 536 -31.19 1.17 4.84
N PRO A 537 -31.00 0.84 3.55
CA PRO A 537 -30.16 1.60 2.64
C PRO A 537 -30.46 3.08 2.71
N LYS A 538 -31.75 3.41 2.70
CA LYS A 538 -32.21 4.78 2.91
C LYS A 538 -32.66 4.92 4.38
N ALA A 539 -31.91 5.70 5.16
CA ALA A 539 -32.24 5.97 6.56
C ALA A 539 -31.55 7.26 6.98
N THR A 540 -32.23 8.03 7.82
CA THR A 540 -31.71 9.32 8.30
C THR A 540 -30.46 9.14 9.14
N LYS A 541 -29.67 10.22 9.24
CA LYS A 541 -28.70 10.40 10.31
C LYS A 541 -29.39 10.25 11.70
N GLU A 542 -30.50 10.97 11.88
CA GLU A 542 -31.33 10.88 13.09
C GLU A 542 -31.92 9.52 13.44
N GLN A 543 -32.15 8.63 12.47
CA GLN A 543 -32.66 7.30 12.84
C GLN A 543 -31.55 6.26 13.07
N LEU A 544 -30.41 6.48 12.44
CA LEU A 544 -29.23 5.68 12.72
C LEU A 544 -28.71 6.02 14.12
N LYS A 545 -28.49 7.32 14.42
CA LYS A 545 -28.06 7.73 15.78
C LYS A 545 -28.99 7.13 16.84
N ALA A 546 -30.31 7.21 16.62
CA ALA A 546 -31.31 6.56 17.48
C ALA A 546 -31.03 5.07 17.69
N VAL A 547 -31.04 4.29 16.60
CA VAL A 547 -30.86 2.81 16.70
C VAL A 547 -29.49 2.46 17.25
N MET A 548 -28.47 3.19 16.84
CA MET A 548 -27.13 3.01 17.46
C MET A 548 -27.05 3.32 18.94
N ASP A 549 -27.66 4.42 19.33
CA ASP A 549 -27.74 4.81 20.73
C ASP A 549 -28.50 3.77 21.58
N ASP A 550 -29.57 3.20 21.04
CA ASP A 550 -30.21 2.09 21.72
C ASP A 550 -29.18 1.00 21.99
N PHE A 551 -28.52 0.52 20.93
CA PHE A 551 -27.55 -0.59 21.06
C PHE A 551 -26.48 -0.34 22.10
N ALA A 552 -25.99 0.90 22.14
CA ALA A 552 -25.04 1.37 23.16
C ALA A 552 -25.61 1.32 24.58
N ALA A 553 -26.92 1.55 24.69
CA ALA A 553 -27.56 1.62 25.99
C ALA A 553 -27.72 0.22 26.49
N PHE A 554 -28.24 -0.62 25.60
CA PHE A 554 -28.39 -2.02 25.85
C PHE A 554 -27.06 -2.67 26.32
N VAL A 555 -25.94 -2.34 25.65
CA VAL A 555 -24.62 -2.86 26.02
C VAL A 555 -24.09 -2.38 27.39
N GLU A 556 -24.24 -1.09 27.70
CA GLU A 556 -23.90 -0.52 29.04
C GLU A 556 -24.67 -1.15 30.18
N LYS A 557 -25.92 -1.55 29.91
CA LYS A 557 -26.72 -2.29 30.88
C LYS A 557 -26.04 -3.65 31.10
N CYS A 558 -26.12 -4.52 30.10
CA CYS A 558 -25.67 -5.90 30.24
C CYS A 558 -24.21 -6.06 30.69
N CYS A 559 -23.37 -5.08 30.39
CA CYS A 559 -22.04 -5.03 30.98
C CYS A 559 -22.01 -4.76 32.51
N LYS A 560 -23.17 -4.50 33.09
CA LYS A 560 -23.33 -4.43 34.54
C LYS A 560 -24.15 -5.64 35.06
N ALA A 561 -23.55 -6.32 36.05
CA ALA A 561 -23.55 -7.78 36.14
C ALA A 561 -24.83 -8.51 36.51
N ASP A 562 -24.71 -9.32 37.58
CA ASP A 562 -25.57 -10.44 37.88
C ASP A 562 -25.37 -11.46 36.76
N ASP A 563 -26.22 -11.41 35.75
CA ASP A 563 -26.15 -12.34 34.63
C ASP A 563 -25.95 -11.54 33.33
N LYS A 564 -24.69 -11.33 32.94
CA LYS A 564 -24.37 -10.63 31.70
C LYS A 564 -24.76 -11.47 30.48
N GLU A 565 -24.37 -12.75 30.52
CA GLU A 565 -24.70 -13.69 29.46
C GLU A 565 -26.18 -13.74 29.13
N THR A 566 -27.04 -13.79 30.14
CA THR A 566 -28.49 -13.82 29.89
C THR A 566 -29.02 -12.44 29.53
N CYS A 567 -28.46 -11.40 30.14
CA CYS A 567 -28.85 -10.04 29.78
C CYS A 567 -28.71 -9.84 28.29
N PHE A 568 -27.54 -10.14 27.77
CA PHE A 568 -27.27 -10.01 26.34
C PHE A 568 -28.21 -10.88 25.53
N ALA A 569 -28.61 -12.00 26.15
CA ALA A 569 -29.44 -13.03 25.48
C ALA A 569 -30.91 -12.64 25.46
N GLU A 570 -31.47 -12.36 26.63
CA GLU A 570 -32.82 -11.78 26.73
C GLU A 570 -32.98 -10.61 25.75
N GLU A 571 -32.15 -9.57 25.87
CA GLU A 571 -32.24 -8.39 24.99
C GLU A 571 -31.85 -8.65 23.53
N GLY A 572 -30.99 -9.65 23.30
CA GLY A 572 -30.78 -10.13 21.94
C GLY A 572 -32.13 -10.64 21.43
N LYS A 573 -32.64 -11.65 22.11
CA LYS A 573 -33.95 -12.26 21.82
C LYS A 573 -35.13 -11.31 22.02
N LYS A 574 -35.02 -10.40 22.99
CA LYS A 574 -36.02 -9.33 23.19
C LYS A 574 -35.73 -8.16 22.24
N LEU A 575 -35.01 -8.48 21.17
CA LEU A 575 -34.95 -7.65 19.98
C LEU A 575 -35.17 -8.58 18.78
N VAL A 576 -35.62 -9.80 19.09
CA VAL A 576 -35.93 -10.83 18.09
C VAL A 576 -37.44 -11.09 18.00
C1 FRU B . 14.67 3.34 -3.16
C2 FRU B . 13.90 4.36 -3.98
C3 FRU B . 14.42 5.76 -4.17
C4 FRU B . 13.19 6.46 -4.66
C5 FRU B . 12.06 5.77 -3.94
C6 FRU B . 10.82 5.53 -4.81
O1 FRU B . 13.74 2.24 -3.04
O2 FRU B . 13.87 3.79 -5.28
O3 FRU B . 15.26 5.85 -5.28
O4 FRU B . 13.32 7.80 -4.25
O5 FRU B . 12.59 4.51 -3.47
O6 FRU B . 9.86 4.64 -4.19
P PO4 C . 6.43 5.62 -7.43
O1 PO4 C . 6.99 5.09 -6.12
O2 PO4 C . 7.46 6.52 -8.06
O3 PO4 C . 6.10 4.52 -8.40
O4 PO4 C . 5.19 6.44 -7.16
C1 FUD D . 7.17 11.05 0.62
C2 FUD D . 6.28 10.10 -0.14
C3 FUD D . 6.39 8.61 0.03
C4 FUD D . 6.62 7.96 -1.33
C5 FUD D . 6.97 6.49 -1.20
C6 FUD D . 7.35 5.89 -2.54
O1 FUD D . 6.90 10.89 2.01
O2 FUD D . 5.44 10.51 -0.92
O3 FUD D . 5.13 8.17 0.54
O4 FUD D . 5.49 8.12 -2.20
O5 FUD D . 8.09 6.35 -0.33
O6 FUD D . 6.50 4.78 -2.81
#